data_1ZN6
#
_entry.id   1ZN6
#
_cell.length_a   84.406
_cell.length_b   87.210
_cell.length_c   64.364
_cell.angle_alpha   90.00
_cell.angle_beta   90.00
_cell.angle_gamma   90.00
#
_symmetry.space_group_name_H-M   'C 2 2 21'
#
loop_
_entity.id
_entity.type
_entity.pdbx_description
1 polymer 'phage-related conserved hypothetical protein'
2 non-polymer 'SULFATE ION'
3 water water
#
_entity_poly.entity_id   1
_entity_poly.type   'polypeptide(L)'
_entity_poly.pdbx_seq_one_letter_code
;(MSE)CSHYQALKDQER(MSE)RKYFAAHPSAEVPAD(MSE)WPRY(MSE)GAFIRRPLEWDSGDEAVPEREAATGRWG
(MSE)IPPGTRPEKLAEASKKNTSNARSETAHQLWTFRNAWAKAQHCIIPADAIYEPDWRSGKAVPTRFTRADGAPLGIA
GLWDRYRNAAGEWIDSYT(MSE)LTINADDDPLFRDYHQAGKEKR(MSE)VVILPDGAYGDWLTAPATDTRDFLLPYPAD
RLVAAAVKLEHHHHHH
;
_entity_poly.pdbx_strand_id   A
#
loop_
_chem_comp.id
_chem_comp.type
_chem_comp.name
_chem_comp.formula
SO4 non-polymer 'SULFATE ION' 'O4 S -2'
#
# COMPACT_ATOMS: atom_id res chain seq x y z
N CYS A 2 -2.37 -1.81 7.97
CA CYS A 2 -1.17 -0.94 8.08
C CYS A 2 -1.51 0.52 7.80
N SER A 3 -1.26 1.40 8.76
CA SER A 3 -1.53 2.82 8.60
C SER A 3 -0.28 3.64 8.88
N HIS A 4 0.87 2.99 8.74
CA HIS A 4 2.16 3.64 8.96
C HIS A 4 3.27 2.79 8.33
N TYR A 5 4.09 3.40 7.49
CA TYR A 5 5.20 2.67 6.88
C TYR A 5 6.36 3.62 6.62
N GLN A 6 7.55 3.06 6.40
CA GLN A 6 8.71 3.89 6.12
C GLN A 6 8.91 3.86 4.61
N ALA A 7 8.75 5.01 3.98
CA ALA A 7 8.88 5.11 2.53
C ALA A 7 10.31 4.92 2.06
N LEU A 8 10.47 4.25 0.92
CA LEU A 8 11.78 4.04 0.34
C LEU A 8 12.13 5.33 -0.38
N LYS A 9 13.20 6.00 0.05
CA LYS A 9 13.56 7.27 -0.57
C LYS A 9 14.87 7.21 -1.35
N ASP A 10 15.74 6.27 -1.01
CA ASP A 10 17.03 6.14 -1.69
C ASP A 10 16.87 5.85 -3.18
N GLN A 11 17.35 6.78 -4.01
CA GLN A 11 17.27 6.68 -5.46
C GLN A 11 17.88 5.41 -6.04
N GLU A 12 19.11 5.10 -5.65
CA GLU A 12 19.79 3.91 -6.15
C GLU A 12 19.11 2.63 -5.72
N ARG A 13 18.63 2.62 -4.48
CA ARG A 13 17.94 1.45 -3.96
C ARG A 13 16.64 1.22 -4.72
N MSE A 14 15.93 2.30 -5.05
CA MSE A 14 14.68 2.12 -5.79
C MSE A 14 14.93 1.65 -7.21
O MSE A 14 14.17 0.88 -7.77
CB MSE A 14 13.87 3.42 -5.82
CG MSE A 14 12.46 3.20 -6.37
SE MSE A 14 11.40 4.81 -6.52
CE MSE A 14 11.11 5.13 -4.64
N ARG A 15 16.03 2.12 -7.81
CA ARG A 15 16.36 1.72 -9.16
C ARG A 15 16.73 0.22 -9.21
N LYS A 16 17.56 -0.22 -8.29
CA LYS A 16 17.98 -1.62 -8.26
C LYS A 16 16.83 -2.59 -8.06
N TYR A 17 15.97 -2.32 -7.08
CA TYR A 17 14.86 -3.23 -6.79
C TYR A 17 13.57 -3.05 -7.57
N PHE A 18 13.25 -1.81 -7.97
CA PHE A 18 12.00 -1.57 -8.68
C PHE A 18 12.14 -1.00 -10.08
N ALA A 19 13.37 -0.74 -10.51
CA ALA A 19 13.63 -0.18 -11.83
C ALA A 19 12.85 1.13 -12.03
N ALA A 20 12.83 1.94 -10.97
CA ALA A 20 12.14 3.21 -11.02
C ALA A 20 12.92 4.18 -10.13
N HIS A 21 12.65 5.47 -10.30
CA HIS A 21 13.32 6.47 -9.50
C HIS A 21 12.26 7.39 -8.93
N PRO A 22 12.55 8.02 -7.78
CA PRO A 22 11.58 8.92 -7.17
C PRO A 22 11.29 10.14 -8.03
N SER A 23 10.08 10.68 -7.90
CA SER A 23 9.71 11.87 -8.65
C SER A 23 9.87 13.01 -7.64
N ALA A 24 8.90 13.18 -6.76
CA ALA A 24 8.99 14.23 -5.75
C ALA A 24 9.45 13.65 -4.43
N GLU A 25 9.81 14.52 -3.49
CA GLU A 25 10.24 14.08 -2.17
C GLU A 25 8.99 13.64 -1.41
N VAL A 26 9.10 12.57 -0.64
CA VAL A 26 7.96 12.12 0.16
C VAL A 26 8.46 11.92 1.58
N PRO A 27 7.57 12.07 2.57
CA PRO A 27 7.96 11.88 3.97
C PRO A 27 8.49 10.48 4.22
N ALA A 28 9.65 10.38 4.85
CA ALA A 28 10.22 9.07 5.14
C ALA A 28 9.24 8.29 6.01
N ASP A 29 8.58 9.02 6.92
CA ASP A 29 7.60 8.42 7.83
C ASP A 29 6.22 8.70 7.22
N MSE A 30 5.66 7.71 6.51
CA MSE A 30 4.35 7.88 5.87
C MSE A 30 3.14 7.52 6.70
O MSE A 30 3.10 6.48 7.36
CB MSE A 30 4.30 7.08 4.55
CG MSE A 30 4.92 7.78 3.35
SE MSE A 30 4.00 9.42 2.83
CE MSE A 30 2.27 8.65 2.40
N TRP A 31 2.14 8.39 6.66
CA TRP A 31 0.89 8.18 7.38
C TRP A 31 -0.25 8.44 6.40
N PRO A 32 -1.46 7.93 6.70
CA PRO A 32 -2.59 8.15 5.78
C PRO A 32 -2.87 9.62 5.46
N ARG A 33 -3.35 9.86 4.24
CA ARG A 33 -3.72 11.19 3.76
C ARG A 33 -2.58 12.10 3.32
N TYR A 34 -1.35 11.64 3.50
CA TYR A 34 -0.18 12.40 3.07
C TYR A 34 0.04 12.05 1.60
N MSE A 35 0.87 12.83 0.92
CA MSE A 35 1.16 12.55 -0.47
C MSE A 35 2.36 11.60 -0.50
O MSE A 35 3.47 11.99 -0.13
CB MSE A 35 1.49 13.85 -1.21
CG MSE A 35 0.32 14.80 -1.33
SE MSE A 35 -1.16 14.03 -2.32
CE MSE A 35 -0.44 14.14 -4.08
N GLY A 36 2.14 10.37 -0.93
CA GLY A 36 3.22 9.41 -0.98
C GLY A 36 3.60 9.03 -2.39
N ALA A 37 4.40 7.98 -2.54
CA ALA A 37 4.83 7.55 -3.86
C ALA A 37 4.40 6.12 -4.17
N PHE A 38 4.02 5.87 -5.42
CA PHE A 38 3.63 4.53 -5.82
C PHE A 38 4.15 4.27 -7.22
N ILE A 39 4.40 3.00 -7.52
CA ILE A 39 4.94 2.61 -8.81
C ILE A 39 3.93 1.89 -9.69
N ARG A 40 3.91 2.25 -10.97
CA ARG A 40 3.02 1.65 -11.96
C ARG A 40 3.85 1.07 -13.10
N ARG A 41 3.21 0.33 -13.99
CA ARG A 41 3.90 -0.26 -15.14
C ARG A 41 4.58 0.84 -15.94
N PRO A 42 5.69 0.50 -16.63
CA PRO A 42 6.41 1.51 -17.42
C PRO A 42 5.59 1.98 -18.62
N LEU A 43 5.92 3.17 -19.11
CA LEU A 43 5.23 3.76 -20.25
C LEU A 43 3.76 3.99 -19.95
N VAL A 52 11.32 7.85 -23.02
CA VAL A 52 12.18 7.99 -21.85
C VAL A 52 12.13 6.73 -21.00
N PRO A 53 12.68 5.62 -21.52
CA PRO A 53 12.70 4.33 -20.81
C PRO A 53 13.40 4.44 -19.45
N GLU A 54 12.65 4.89 -18.46
CA GLU A 54 13.18 5.05 -17.11
C GLU A 54 12.04 5.38 -16.16
N ARG A 55 11.41 4.33 -15.63
CA ARG A 55 10.29 4.48 -14.71
C ARG A 55 10.47 5.60 -13.70
N GLU A 56 9.35 6.17 -13.29
CA GLU A 56 9.34 7.24 -12.30
C GLU A 56 8.17 6.95 -11.36
N ALA A 57 8.43 6.93 -10.05
CA ALA A 57 7.37 6.69 -9.10
C ALA A 57 6.46 7.91 -9.16
N ALA A 58 5.16 7.69 -9.12
CA ALA A 58 4.22 8.80 -9.17
C ALA A 58 3.89 9.22 -7.74
N THR A 59 3.38 10.44 -7.61
CA THR A 59 2.99 10.96 -6.31
C THR A 59 1.47 10.89 -6.23
N GLY A 60 0.95 10.52 -5.08
CA GLY A 60 -0.49 10.44 -4.92
C GLY A 60 -0.87 10.44 -3.46
N ARG A 61 -2.16 10.67 -3.19
CA ARG A 61 -2.68 10.69 -1.81
C ARG A 61 -2.83 9.26 -1.29
N TRP A 62 -2.24 8.96 -0.14
CA TRP A 62 -2.39 7.62 0.42
C TRP A 62 -3.76 7.63 1.08
N GLY A 63 -4.72 7.00 0.43
CA GLY A 63 -6.09 6.98 0.91
C GLY A 63 -6.92 7.30 -0.32
N MSE A 64 -7.48 6.26 -0.94
CA MSE A 64 -8.24 6.47 -2.16
C MSE A 64 -9.54 7.26 -2.02
O MSE A 64 -10.26 7.13 -1.04
CB MSE A 64 -8.53 5.12 -2.85
CG MSE A 64 -9.06 5.26 -4.27
SE MSE A 64 -9.02 3.56 -5.24
CE MSE A 64 -7.10 3.52 -5.56
N ILE A 65 -9.81 8.07 -3.03
CA ILE A 65 -11.02 8.89 -3.10
C ILE A 65 -11.79 8.40 -4.33
N PRO A 66 -13.09 8.11 -4.18
CA PRO A 66 -13.85 7.65 -5.35
C PRO A 66 -13.66 8.62 -6.51
N PRO A 67 -13.33 8.11 -7.69
CA PRO A 67 -13.10 8.95 -8.88
C PRO A 67 -14.29 9.84 -9.29
N GLY A 68 -15.50 9.44 -8.93
CA GLY A 68 -16.66 10.25 -9.30
C GLY A 68 -17.07 11.26 -8.24
N THR A 69 -16.28 11.38 -7.18
CA THR A 69 -16.60 12.30 -6.11
C THR A 69 -16.69 13.75 -6.57
N ARG A 70 -17.77 14.42 -6.19
CA ARG A 70 -17.98 15.82 -6.55
C ARG A 70 -17.39 16.70 -5.45
N PRO A 71 -17.04 17.95 -5.78
CA PRO A 71 -16.45 18.88 -4.80
C PRO A 71 -17.19 19.02 -3.48
N GLU A 72 -18.52 18.89 -3.51
CA GLU A 72 -19.32 19.01 -2.31
C GLU A 72 -19.26 17.76 -1.44
N LYS A 73 -18.53 16.75 -1.91
CA LYS A 73 -18.42 15.50 -1.16
C LYS A 73 -16.97 15.13 -0.85
N LEU A 74 -16.03 15.94 -1.32
CA LEU A 74 -14.61 15.68 -1.07
C LEU A 74 -14.26 15.63 0.42
N ALA A 75 -14.75 16.61 1.17
CA ALA A 75 -14.47 16.66 2.60
C ALA A 75 -14.90 15.37 3.28
N GLU A 76 -16.09 14.89 2.94
CA GLU A 76 -16.63 13.67 3.52
C GLU A 76 -15.80 12.45 3.10
N ALA A 77 -15.48 12.39 1.81
CA ALA A 77 -14.69 11.28 1.27
C ALA A 77 -13.29 11.24 1.87
N SER A 78 -12.72 12.42 2.12
CA SER A 78 -11.38 12.53 2.67
C SER A 78 -11.23 11.95 4.08
N LYS A 79 -12.30 11.99 4.85
CA LYS A 79 -12.26 11.49 6.23
C LYS A 79 -12.40 9.97 6.37
N LYS A 80 -12.87 9.31 5.32
CA LYS A 80 -13.03 7.86 5.37
C LYS A 80 -11.65 7.20 5.42
N ASN A 81 -11.59 6.00 5.99
CA ASN A 81 -10.33 5.27 6.08
C ASN A 81 -10.21 4.39 4.86
N THR A 82 -9.48 4.90 3.86
CA THR A 82 -9.32 4.19 2.60
C THR A 82 -7.87 4.00 2.18
N SER A 83 -6.96 4.04 3.16
CA SER A 83 -5.54 3.84 2.88
C SER A 83 -5.24 2.35 2.73
N ASN A 84 -6.20 1.54 3.18
CA ASN A 84 -6.13 0.09 3.06
C ASN A 84 -7.45 -0.32 2.43
N ALA A 85 -7.42 -1.36 1.60
CA ALA A 85 -8.65 -1.85 0.96
C ALA A 85 -8.74 -3.36 1.13
N ARG A 86 -9.83 -3.85 1.72
CA ARG A 86 -9.99 -5.30 1.90
C ARG A 86 -10.16 -5.89 0.50
N SER A 87 -9.24 -6.78 0.14
CA SER A 87 -9.27 -7.41 -1.18
C SER A 87 -10.56 -8.15 -1.45
N GLU A 88 -11.15 -8.70 -0.40
CA GLU A 88 -12.39 -9.46 -0.54
C GLU A 88 -13.54 -8.67 -1.15
N THR A 89 -13.56 -7.37 -0.90
CA THR A 89 -14.65 -6.53 -1.39
C THR A 89 -14.23 -5.35 -2.26
N ALA A 90 -12.95 -5.27 -2.61
CA ALA A 90 -12.46 -4.15 -3.41
C ALA A 90 -13.07 -4.05 -4.80
N HIS A 91 -13.52 -5.18 -5.34
CA HIS A 91 -14.13 -5.20 -6.67
C HIS A 91 -15.55 -4.61 -6.64
N GLN A 92 -16.16 -4.60 -5.46
CA GLN A 92 -17.53 -4.13 -5.29
C GLN A 92 -17.75 -2.72 -4.70
N LEU A 93 -16.99 -2.36 -3.68
CA LEU A 93 -17.16 -1.06 -3.03
C LEU A 93 -16.85 0.13 -3.95
N TRP A 94 -17.67 1.18 -3.84
CA TRP A 94 -17.54 2.38 -4.67
C TRP A 94 -16.16 3.03 -4.71
N THR A 95 -15.43 2.97 -3.59
CA THR A 95 -14.12 3.59 -3.54
C THR A 95 -13.06 2.92 -4.39
N PHE A 96 -13.13 1.60 -4.48
CA PHE A 96 -12.12 0.83 -5.20
C PHE A 96 -12.55 0.10 -6.48
N ARG A 97 -13.85 -0.06 -6.69
CA ARG A 97 -14.35 -0.80 -7.85
C ARG A 97 -13.74 -0.43 -9.20
N ASN A 98 -13.66 0.86 -9.52
CA ASN A 98 -13.09 1.30 -10.79
C ASN A 98 -11.63 0.88 -10.92
N ALA A 99 -10.85 1.12 -9.88
CA ALA A 99 -9.45 0.78 -9.88
C ALA A 99 -9.26 -0.73 -10.05
N TRP A 100 -10.09 -1.51 -9.37
CA TRP A 100 -9.99 -2.96 -9.47
C TRP A 100 -10.39 -3.46 -10.86
N ALA A 101 -11.54 -2.99 -11.35
CA ALA A 101 -12.04 -3.40 -12.65
C ALA A 101 -11.09 -3.10 -13.79
N LYS A 102 -10.43 -1.94 -13.74
CA LYS A 102 -9.50 -1.55 -14.79
C LYS A 102 -8.07 -2.02 -14.51
N ALA A 103 -7.91 -2.78 -13.43
CA ALA A 103 -6.61 -3.32 -13.04
C ALA A 103 -5.56 -2.23 -12.94
N GLN A 104 -5.89 -1.15 -12.25
CA GLN A 104 -4.94 -0.07 -12.06
C GLN A 104 -4.14 -0.48 -10.83
N HIS A 105 -3.13 -1.30 -11.09
CA HIS A 105 -2.26 -1.84 -10.06
C HIS A 105 -1.00 -1.02 -9.83
N CYS A 106 -0.56 -0.98 -8.58
CA CYS A 106 0.67 -0.28 -8.27
C CYS A 106 1.41 -1.02 -7.17
N ILE A 107 2.64 -0.59 -6.95
CA ILE A 107 3.46 -1.17 -5.90
C ILE A 107 3.94 0.00 -5.06
N ILE A 108 3.71 -0.09 -3.75
CA ILE A 108 4.16 0.96 -2.84
C ILE A 108 5.51 0.48 -2.30
N PRO A 109 6.61 1.15 -2.67
CA PRO A 109 7.93 0.74 -2.18
C PRO A 109 8.16 1.25 -0.78
N ALA A 110 8.55 0.36 0.12
CA ALA A 110 8.78 0.75 1.51
C ALA A 110 9.95 0.01 2.12
N ASP A 111 10.70 0.72 2.97
CA ASP A 111 11.83 0.10 3.64
C ASP A 111 11.31 -0.73 4.81
N ALA A 112 10.09 -0.41 5.24
CA ALA A 112 9.48 -1.13 6.34
C ALA A 112 8.03 -0.69 6.55
N ILE A 113 7.27 -1.53 7.23
CA ILE A 113 5.88 -1.20 7.56
C ILE A 113 5.78 -1.33 9.07
N TYR A 114 4.79 -0.67 9.66
CA TYR A 114 4.58 -0.75 11.10
C TYR A 114 3.18 -1.25 11.40
N GLU A 115 3.07 -2.09 12.42
CA GLU A 115 1.78 -2.63 12.86
C GLU A 115 1.81 -2.58 14.38
N PRO A 116 0.68 -2.27 15.02
CA PRO A 116 0.64 -2.21 16.48
C PRO A 116 0.55 -3.56 17.19
N ASP A 117 1.32 -3.68 18.28
CA ASP A 117 1.33 -4.88 19.10
C ASP A 117 0.68 -4.45 20.42
N TRP A 118 -0.42 -5.10 20.80
CA TRP A 118 -1.13 -4.77 22.03
C TRP A 118 -0.94 -5.79 23.14
N ARG A 119 -0.05 -6.75 22.94
CA ARG A 119 0.19 -7.80 23.93
C ARG A 119 0.71 -7.30 25.27
N SER A 120 1.26 -6.10 25.30
CA SER A 120 1.77 -5.53 26.55
C SER A 120 0.66 -4.77 27.28
N GLY A 121 -0.49 -4.64 26.64
CA GLY A 121 -1.61 -3.94 27.25
C GLY A 121 -1.61 -2.48 26.83
N LYS A 122 -0.74 -2.15 25.89
CA LYS A 122 -0.61 -0.80 25.38
C LYS A 122 -0.21 -0.92 23.92
N ALA A 123 -0.41 0.14 23.15
CA ALA A 123 -0.04 0.12 21.73
C ALA A 123 1.47 0.28 21.57
N VAL A 124 2.13 -0.79 21.17
CA VAL A 124 3.57 -0.77 20.96
C VAL A 124 3.86 -0.90 19.47
N PRO A 125 4.40 0.15 18.85
CA PRO A 125 4.69 0.07 17.41
C PRO A 125 5.71 -1.04 17.13
N THR A 126 5.49 -1.77 16.05
CA THR A 126 6.39 -2.86 15.68
C THR A 126 6.79 -2.64 14.23
N ARG A 127 8.09 -2.65 13.98
CA ARG A 127 8.62 -2.44 12.63
C ARG A 127 8.91 -3.78 11.97
N PHE A 128 8.46 -3.92 10.72
CA PHE A 128 8.67 -5.16 9.98
C PHE A 128 9.53 -4.88 8.76
N THR A 129 10.57 -5.67 8.58
CA THR A 129 11.47 -5.52 7.46
C THR A 129 11.80 -6.90 6.89
N ARG A 130 12.37 -6.92 5.69
CA ARG A 130 12.74 -8.19 5.08
C ARG A 130 14.08 -8.67 5.63
N ALA A 131 14.16 -9.96 5.95
CA ALA A 131 15.37 -10.56 6.48
C ALA A 131 16.55 -10.43 5.52
N ASP A 132 16.27 -10.38 4.22
CA ASP A 132 17.34 -10.26 3.24
C ASP A 132 17.81 -8.82 3.02
N GLY A 133 17.21 -7.88 3.76
CA GLY A 133 17.61 -6.49 3.65
C GLY A 133 17.05 -5.72 2.48
N ALA A 134 16.26 -6.37 1.64
CA ALA A 134 15.67 -5.70 0.48
C ALA A 134 14.41 -4.96 0.88
N PRO A 135 14.02 -3.93 0.11
CA PRO A 135 12.82 -3.16 0.43
C PRO A 135 11.56 -3.98 0.16
N LEU A 136 10.45 -3.57 0.77
CA LEU A 136 9.18 -4.24 0.60
C LEU A 136 8.45 -3.64 -0.59
N GLY A 137 7.76 -4.48 -1.35
CA GLY A 137 6.99 -4.01 -2.48
C GLY A 137 5.55 -4.37 -2.16
N ILE A 138 4.78 -3.41 -1.64
CA ILE A 138 3.40 -3.65 -1.24
C ILE A 138 2.41 -3.53 -2.40
N ALA A 139 1.55 -4.54 -2.56
CA ALA A 139 0.56 -4.53 -3.63
C ALA A 139 -0.56 -3.55 -3.34
N GLY A 140 -0.90 -2.73 -4.33
CA GLY A 140 -1.97 -1.77 -4.13
C GLY A 140 -2.72 -1.42 -5.39
N LEU A 141 -3.66 -0.48 -5.26
CA LEU A 141 -4.45 0.00 -6.39
C LEU A 141 -4.28 1.51 -6.42
N TRP A 142 -4.40 2.10 -7.61
CA TRP A 142 -4.32 3.56 -7.75
C TRP A 142 -5.48 4.05 -8.60
N ASP A 143 -5.83 5.31 -8.44
CA ASP A 143 -6.90 5.90 -9.24
C ASP A 143 -6.74 7.41 -9.18
N ARG A 144 -7.64 8.14 -9.83
CA ARG A 144 -7.58 9.60 -9.82
C ARG A 144 -8.91 10.18 -9.35
N TYR A 145 -8.84 11.39 -8.79
CA TYR A 145 -10.03 12.09 -8.34
C TYR A 145 -9.78 13.56 -8.61
N ARG A 146 -10.85 14.37 -8.63
CA ARG A 146 -10.71 15.79 -8.89
C ARG A 146 -10.77 16.57 -7.58
N ASN A 147 -9.87 17.52 -7.41
CA ASN A 147 -9.90 18.33 -6.20
C ASN A 147 -10.96 19.37 -6.44
N ALA A 148 -11.15 20.28 -5.49
CA ALA A 148 -12.18 21.30 -5.63
C ALA A 148 -12.06 22.17 -6.88
N ALA A 149 -10.86 22.25 -7.45
CA ALA A 149 -10.64 23.06 -8.64
C ALA A 149 -10.81 22.30 -9.96
N GLY A 150 -11.15 21.01 -9.87
CA GLY A 150 -11.33 20.23 -11.07
C GLY A 150 -10.04 19.63 -11.60
N GLU A 151 -8.96 19.78 -10.83
CA GLU A 151 -7.68 19.23 -11.22
C GLU A 151 -7.62 17.77 -10.79
N TRP A 152 -7.16 16.89 -11.68
CA TRP A 152 -7.06 15.48 -11.32
C TRP A 152 -5.88 15.26 -10.38
N ILE A 153 -6.12 14.45 -9.35
CA ILE A 153 -5.12 14.11 -8.36
C ILE A 153 -5.11 12.59 -8.23
N ASP A 154 -3.92 12.00 -8.14
CA ASP A 154 -3.81 10.55 -7.99
C ASP A 154 -3.97 10.16 -6.52
N SER A 155 -4.44 8.94 -6.27
CA SER A 155 -4.57 8.42 -4.92
C SER A 155 -4.29 6.92 -5.00
N TYR A 156 -3.90 6.33 -3.88
CA TYR A 156 -3.62 4.89 -3.87
C TYR A 156 -3.98 4.26 -2.54
N THR A 157 -4.09 2.93 -2.54
CA THR A 157 -4.46 2.21 -1.34
C THR A 157 -3.74 0.86 -1.32
N MSE A 158 -3.51 0.30 -0.13
CA MSE A 158 -2.86 -1.00 -0.02
C MSE A 158 -3.92 -2.09 0.09
O MSE A 158 -4.86 -1.96 0.88
CB MSE A 158 -1.97 -1.06 1.23
CG MSE A 158 -0.78 -0.12 1.22
SE MSE A 158 0.15 -0.26 2.90
CE MSE A 158 1.62 0.94 2.51
N LEU A 159 -3.77 -3.16 -0.68
CA LEU A 159 -4.74 -4.26 -0.63
C LEU A 159 -4.39 -5.17 0.54
N THR A 160 -5.40 -5.52 1.33
CA THR A 160 -5.18 -6.38 2.47
C THR A 160 -5.88 -7.73 2.34
N ILE A 161 -5.39 -8.70 3.09
CA ILE A 161 -5.97 -10.04 3.12
C ILE A 161 -6.08 -10.44 4.59
N ASN A 162 -6.79 -11.52 4.86
CA ASN A 162 -6.97 -11.98 6.24
C ASN A 162 -5.66 -12.54 6.81
N ALA A 163 -5.42 -12.24 8.08
CA ALA A 163 -4.20 -12.68 8.77
C ALA A 163 -4.48 -13.42 10.07
N ASP A 164 -5.71 -13.85 10.28
CA ASP A 164 -6.05 -14.57 11.51
C ASP A 164 -5.23 -15.85 11.67
N ASP A 165 -4.71 -16.37 10.57
CA ASP A 165 -3.92 -17.59 10.61
C ASP A 165 -2.47 -17.44 10.15
N ASP A 166 -2.02 -16.21 9.96
CA ASP A 166 -0.65 -15.99 9.53
C ASP A 166 0.25 -16.14 10.75
N PRO A 167 1.26 -17.01 10.66
CA PRO A 167 2.20 -17.25 11.77
C PRO A 167 2.79 -15.99 12.41
N LEU A 168 3.02 -14.96 11.59
CA LEU A 168 3.60 -13.73 12.11
C LEU A 168 2.58 -12.67 12.49
N PHE A 169 1.75 -12.27 11.53
CA PHE A 169 0.77 -11.21 11.76
C PHE A 169 -0.47 -11.51 12.62
N ARG A 170 -0.75 -12.77 12.89
CA ARG A 170 -1.92 -13.11 13.69
C ARG A 170 -1.76 -12.63 15.13
N ASP A 171 -0.54 -12.26 15.51
CA ASP A 171 -0.28 -11.79 16.87
C ASP A 171 -0.36 -10.27 17.03
N TYR A 172 -0.61 -9.55 15.94
CA TYR A 172 -0.69 -8.10 16.02
C TYR A 172 -2.08 -7.51 15.93
N HIS A 173 -2.20 -6.24 16.32
CA HIS A 173 -3.47 -5.51 16.32
C HIS A 173 -4.34 -5.84 17.53
N GLN A 174 -5.28 -4.95 17.82
CA GLN A 174 -6.19 -5.10 18.96
C GLN A 174 -6.97 -6.40 18.87
N ALA A 175 -7.31 -6.96 20.03
CA ALA A 175 -8.10 -8.19 20.07
C ALA A 175 -9.56 -7.75 19.93
N GLY A 176 -10.37 -8.59 19.29
CA GLY A 176 -11.78 -8.26 19.12
C GLY A 176 -12.15 -7.82 17.72
N LYS A 177 -11.17 -7.78 16.83
CA LYS A 177 -11.41 -7.38 15.45
C LYS A 177 -10.67 -8.33 14.51
N GLU A 178 -11.22 -8.54 13.31
CA GLU A 178 -10.58 -9.43 12.35
C GLU A 178 -9.15 -8.93 12.10
N LYS A 179 -8.20 -9.86 12.02
CA LYS A 179 -6.82 -9.47 11.77
C LYS A 179 -6.56 -9.39 10.27
N ARG A 180 -5.91 -8.29 9.87
CA ARG A 180 -5.60 -8.04 8.47
C ARG A 180 -4.11 -7.85 8.27
N MSE A 181 -3.66 -8.01 7.04
CA MSE A 181 -2.24 -7.81 6.71
C MSE A 181 -2.14 -7.36 5.27
O MSE A 181 -2.97 -7.74 4.43
CB MSE A 181 -1.46 -9.11 6.90
CG MSE A 181 -1.89 -10.26 5.99
SE MSE A 181 -0.95 -11.91 6.36
CE MSE A 181 0.62 -11.58 5.30
N VAL A 182 -1.15 -6.52 4.96
CA VAL A 182 -0.99 -6.05 3.60
C VAL A 182 -0.29 -7.14 2.80
N VAL A 183 -0.30 -6.98 1.49
CA VAL A 183 0.33 -7.96 0.63
C VAL A 183 1.70 -7.51 0.17
N ILE A 184 2.73 -8.19 0.67
CA ILE A 184 4.10 -7.90 0.27
C ILE A 184 4.36 -8.85 -0.89
N LEU A 185 4.70 -8.30 -2.05
CA LEU A 185 4.94 -9.09 -3.24
C LEU A 185 6.39 -9.56 -3.35
N PRO A 186 6.59 -10.79 -3.86
CA PRO A 186 7.97 -11.24 -4.00
C PRO A 186 8.50 -10.49 -5.22
N ASP A 187 9.80 -10.22 -5.25
CA ASP A 187 10.41 -9.47 -6.35
C ASP A 187 10.08 -10.00 -7.74
N GLY A 188 10.03 -11.33 -7.87
CA GLY A 188 9.74 -11.93 -9.16
C GLY A 188 8.33 -11.71 -9.66
N ALA A 189 7.47 -11.15 -8.82
CA ALA A 189 6.09 -10.91 -9.22
C ALA A 189 5.80 -9.43 -9.50
N TYR A 190 6.79 -8.57 -9.24
CA TYR A 190 6.60 -7.14 -9.45
C TYR A 190 6.03 -6.76 -10.81
N GLY A 191 6.75 -7.13 -11.88
CA GLY A 191 6.33 -6.81 -13.23
C GLY A 191 5.00 -7.40 -13.65
N ASP A 192 4.78 -8.66 -13.29
CA ASP A 192 3.53 -9.34 -13.64
C ASP A 192 2.35 -8.71 -12.92
N TRP A 193 2.57 -8.32 -11.68
CA TRP A 193 1.51 -7.70 -10.89
C TRP A 193 1.07 -6.41 -11.55
N LEU A 194 2.03 -5.61 -12.00
CA LEU A 194 1.74 -4.31 -12.61
C LEU A 194 1.05 -4.37 -13.96
N THR A 195 1.02 -5.55 -14.59
CA THR A 195 0.36 -5.67 -15.89
C THR A 195 -0.75 -6.73 -15.88
N ALA A 196 -0.99 -7.32 -14.71
CA ALA A 196 -2.01 -8.35 -14.58
C ALA A 196 -3.43 -7.83 -14.80
N PRO A 197 -4.25 -8.59 -15.52
CA PRO A 197 -5.64 -8.17 -15.76
C PRO A 197 -6.45 -8.37 -14.49
N ALA A 198 -7.59 -7.72 -14.40
CA ALA A 198 -8.43 -7.82 -13.21
C ALA A 198 -8.74 -9.28 -12.84
N THR A 199 -8.81 -10.15 -13.85
CA THR A 199 -9.12 -11.56 -13.62
C THR A 199 -8.02 -12.35 -12.89
N ASP A 200 -6.79 -11.83 -12.94
CA ASP A 200 -5.66 -12.52 -12.29
C ASP A 200 -5.22 -11.85 -10.99
N THR A 201 -5.91 -10.78 -10.61
CA THR A 201 -5.54 -10.04 -9.41
C THR A 201 -5.37 -10.87 -8.15
N ARG A 202 -6.41 -11.63 -7.78
CA ARG A 202 -6.35 -12.44 -6.56
C ARG A 202 -5.21 -13.45 -6.48
N ASP A 203 -4.69 -13.85 -7.64
CA ASP A 203 -3.59 -14.81 -7.69
C ASP A 203 -2.34 -14.27 -6.99
N PHE A 204 -2.22 -12.94 -6.95
CA PHE A 204 -1.06 -12.29 -6.34
C PHE A 204 -1.26 -11.90 -4.88
N LEU A 205 -2.51 -11.88 -4.43
CA LEU A 205 -2.81 -11.47 -3.06
C LEU A 205 -2.64 -12.64 -2.08
N LEU A 206 -1.39 -13.02 -1.88
CA LEU A 206 -1.02 -14.12 -1.01
C LEU A 206 -0.16 -13.67 0.17
N PRO A 207 -0.14 -14.47 1.24
CA PRO A 207 0.66 -14.12 2.43
C PRO A 207 2.15 -14.25 2.11
N TYR A 208 2.93 -13.24 2.47
CA TYR A 208 4.37 -13.29 2.24
C TYR A 208 4.92 -14.20 3.33
N PRO A 209 5.88 -15.08 2.98
CA PRO A 209 6.46 -15.99 3.98
C PRO A 209 6.92 -15.28 5.26
N ALA A 210 6.36 -15.70 6.38
CA ALA A 210 6.70 -15.10 7.66
C ALA A 210 8.19 -15.24 8.01
N ASP A 211 8.81 -16.33 7.59
CA ASP A 211 10.21 -16.59 7.89
C ASP A 211 11.16 -15.68 7.12
N ARG A 212 10.60 -14.84 6.24
CA ARG A 212 11.40 -13.91 5.45
C ARG A 212 11.28 -12.51 6.02
N LEU A 213 10.53 -12.37 7.12
CA LEU A 213 10.35 -11.06 7.73
C LEU A 213 10.93 -10.98 9.14
N VAL A 214 11.31 -9.77 9.53
CA VAL A 214 11.86 -9.52 10.85
C VAL A 214 10.96 -8.50 11.54
N ALA A 215 10.52 -8.82 12.76
CA ALA A 215 9.67 -7.91 13.53
C ALA A 215 10.47 -7.37 14.71
N ALA A 216 10.33 -6.08 14.99
CA ALA A 216 11.05 -5.46 16.10
C ALA A 216 10.24 -4.33 16.71
N ALA A 217 10.09 -4.37 18.04
CA ALA A 217 9.36 -3.31 18.73
C ALA A 217 10.25 -2.07 18.59
N VAL A 218 9.64 -0.91 18.43
CA VAL A 218 10.40 0.32 18.29
C VAL A 218 9.79 1.46 19.09
N LYS A 219 10.59 2.51 19.26
CA LYS A 219 10.17 3.72 19.96
C LYS A 219 10.10 4.80 18.90
N LEU A 220 8.92 5.38 18.70
CA LEU A 220 8.72 6.44 17.72
C LEU A 220 9.13 7.80 18.26
S SO4 B . -17.38 2.87 -0.06
O1 SO4 B . -18.35 1.78 0.15
O2 SO4 B . -17.91 3.84 -1.02
O3 SO4 B . -17.11 3.54 1.22
O4 SO4 B . -16.12 2.29 -0.59
S SO4 C . -4.01 -0.32 11.31
O1 SO4 C . -5.01 -1.22 11.92
O2 SO4 C . -4.16 -0.32 9.85
O3 SO4 C . -4.22 1.05 11.82
O4 SO4 C . -2.66 -0.77 11.66
S SO4 D . -20.70 -10.27 -4.30
O1 SO4 D . -21.33 -11.27 -3.42
O2 SO4 D . -21.12 -10.53 -5.70
O3 SO4 D . -21.12 -8.92 -3.89
O4 SO4 D . -19.23 -10.38 -4.20
#